data_1L8V
#
_entry.id   1L8V
#
_cell.length_a   80.455
_cell.length_b   129.918
_cell.length_c   144.686
_cell.angle_alpha   90.00
_cell.angle_beta   90.00
_cell.angle_gamma   90.00
#
_symmetry.space_group_name_H-M   'P 21 21 21'
#
loop_
_entity.id
_entity.type
_entity.pdbx_description
1 polymer 'P4-P6 RNA ribozyme domain'
2 non-polymer 'MAGNESIUM ION'
3 water water
#
_entity_poly.entity_id   1
_entity_poly.type   'polyribonucleotide'
_entity_poly.pdbx_seq_one_letter_code
;GAAUUGGGGGAAAGGGGUCAACAGCCGUUCAGUACCAAGUCUCAGGGGAAACUUUGAGAUGGCCUUGCAAAGGGUAUGGU
AAUAAGCUGACGGACAUGGUCCUAACCCCCAGCCAAGUCCUAAGUCAACAGAUCUUCUGUUGAUAUGGAUGCAGUUC
;
_entity_poly.pdbx_strand_id   A,B
#
loop_
_chem_comp.id
_chem_comp.type
_chem_comp.name
_chem_comp.formula
A RNA linking ADENOSINE-5'-MONOPHOSPHATE 'C10 H14 N5 O7 P'
C RNA linking CYTIDINE-5'-MONOPHOSPHATE 'C9 H14 N3 O8 P'
G RNA linking GUANOSINE-5'-MONOPHOSPHATE 'C10 H14 N5 O8 P'
MG non-polymer 'MAGNESIUM ION' 'Mg 2'
U RNA linking URIDINE-5'-MONOPHOSPHATE 'C9 H13 N2 O9 P'
#
# COMPACT_ATOMS: atom_id res chain seq x y z
MG MG C . 15.86 -11.56 -0.52
MG MG D . 20.27 -12.64 10.45
MG MG E . 10.44 -7.68 -0.67
MG MG F . 0.81 -10.46 -2.43
MG MG G . 16.04 -10.77 7.87
MG MG H . -19.02 13.99 -10.95
MG MG I . -8.28 2.04 5.84
MG MG J . -15.46 11.48 -7.95
MG MG K . -13.06 14.99 -1.10
MG MG L . -7.60 10.61 -0.54
#